data_3N97
#
_entry.id   3N97
#
_cell.length_a   80.710
_cell.length_b   86.410
_cell.length_c   147.110
_cell.angle_alpha   90.000
_cell.angle_beta   90.000
_cell.angle_gamma   90.000
#
_symmetry.space_group_name_H-M   'C 2 2 21'
#
loop_
_entity.id
_entity.type
_entity.pdbx_description
1 polymer 'RNA polymerase sigma factor'
2 polymer 'DNA-directed RNA polymerase subunit alpha'
3 polymer "DNA (5'-D(*TP*GP*GP*AP*AP*AP*AP*AP*AP*GP*TP*AP*CP*TP*TP*GP*AP*CP*AP*TP*GP*G)-3')"
4 polymer "DNA (5'-D(*CP*CP*AP*TP*GP*TP*CP*AP*AP*GP*TP*AP*CP*TP*TP*TP*TP*TP*TP*CP*C)-3')"
5 non-polymer 'ACETATE ION'
6 water water
#
loop_
_entity_poly.entity_id
_entity_poly.type
_entity_poly.pdbx_seq_one_letter_code
_entity_poly.pdbx_strand_id
1 'polypeptide(L)' SEELEKALSKLSEREAMVLKMRKGLIDGREHTLEEVGAYFGVTRERIRQIENKALRKLRHPSRSEKLRDFLE A,D
2 'polypeptide(L)'
;KPEFDPILLRPVDDLELTVRSANCLKAEAIHYIGDLVQRTEVELLKTPNLGKKSLTEIKDVLASRGLSLGMRLENWPPAS
IADE
;
B,C
3 'polydeoxyribonucleotide'
;(DT)(DG)(DG)(DA)(DA)(DA)(DA)(DA)(DA)(DG)(DT)(DA)(DC)(DT)(DT)(DG)(DA)(DC)(DA)(DT)
(DG)(DG)
;
M
4 'polydeoxyribonucleotide'
;(DC)(DC)(DA)(DT)(DG)(DT)(DC)(DA)(DA)(DG)(DT)(DA)(DC)(DT)(DT)(DT)(DT)(DT)(DT)(DC)
(DC)
;
N
#
# COMPACT_ATOMS: atom_id res chain seq x y z
N SER A 9 -4.37 18.13 -5.31
CA SER A 9 -5.40 18.26 -6.34
C SER A 9 -5.94 16.90 -6.77
N LYS A 10 -5.20 15.85 -6.48
CA LYS A 10 -5.67 14.49 -6.76
C LYS A 10 -6.62 14.04 -5.65
N LEU A 11 -7.08 14.99 -4.84
CA LEU A 11 -7.98 14.73 -3.72
C LEU A 11 -9.44 14.90 -4.15
N SER A 12 -10.30 14.03 -3.64
CA SER A 12 -11.72 14.09 -3.99
C SER A 12 -12.30 15.43 -3.54
N GLU A 13 -13.48 15.75 -4.04
CA GLU A 13 -14.22 16.92 -3.58
C GLU A 13 -14.23 16.96 -2.05
N ARG A 14 -14.67 15.84 -1.48
CA ARG A 14 -14.84 15.73 -0.03
C ARG A 14 -13.52 15.91 0.70
N GLU A 15 -12.54 15.06 0.37
CA GLU A 15 -11.24 15.12 1.01
C GLU A 15 -10.73 16.55 1.11
N ALA A 16 -10.67 17.24 -0.03
CA ALA A 16 -10.22 18.64 -0.05
C ALA A 16 -11.02 19.47 0.95
N MET A 17 -12.34 19.50 0.74
CA MET A 17 -13.24 20.23 1.63
C MET A 17 -12.79 20.12 3.08
N VAL A 18 -12.83 18.90 3.59
CA VAL A 18 -12.46 18.63 4.97
C VAL A 18 -11.17 19.31 5.45
N LEU A 19 -10.14 19.30 4.63
CA LEU A 19 -8.88 19.91 5.06
C LEU A 19 -8.97 21.44 5.16
N LYS A 20 -9.76 22.04 4.28
CA LYS A 20 -10.01 23.46 4.39
C LYS A 20 -10.85 23.74 5.63
N MET A 21 -11.89 22.95 5.84
CA MET A 21 -12.65 23.01 7.07
C MET A 21 -11.68 22.95 8.22
N ARG A 22 -11.05 21.79 8.39
CA ARG A 22 -10.19 21.52 9.53
C ARG A 22 -9.08 22.53 9.68
N LYS A 23 -8.53 23.00 8.56
CA LYS A 23 -7.42 23.93 8.64
C LYS A 23 -7.89 25.39 8.67
N GLY A 24 -9.20 25.57 8.60
CA GLY A 24 -9.79 26.89 8.72
C GLY A 24 -9.81 27.62 7.40
N LEU A 25 -9.22 27.01 6.38
CA LEU A 25 -9.13 27.62 5.05
C LEU A 25 -10.48 28.03 4.49
N ILE A 26 -11.54 27.77 5.25
CA ILE A 26 -12.89 28.14 4.86
C ILE A 26 -13.27 29.52 5.39
N ASP A 27 -13.26 29.64 6.72
CA ASP A 27 -13.69 30.88 7.37
C ASP A 27 -12.66 31.32 8.39
N GLY A 28 -11.40 31.01 8.14
CA GLY A 28 -10.32 31.39 9.03
C GLY A 28 -10.34 30.64 10.35
N ARG A 29 -11.41 29.90 10.59
CA ARG A 29 -11.53 29.10 11.81
C ARG A 29 -11.24 27.63 11.55
N GLU A 30 -10.31 27.08 12.31
CA GLU A 30 -10.02 25.66 12.27
C GLU A 30 -11.09 24.91 13.02
N HIS A 31 -11.71 23.94 12.37
CA HIS A 31 -12.86 23.24 12.95
C HIS A 31 -12.52 21.89 13.58
N THR A 32 -13.04 21.66 14.77
CA THR A 32 -12.89 20.37 15.42
C THR A 32 -13.52 19.32 14.53
N LEU A 33 -13.15 18.07 14.76
CA LEU A 33 -13.70 16.97 13.99
C LEU A 33 -15.21 16.94 14.12
N GLU A 34 -15.68 17.12 15.35
CA GLU A 34 -17.11 17.14 15.66
C GLU A 34 -17.94 17.92 14.65
N GLU A 35 -17.57 19.19 14.46
CA GLU A 35 -18.33 20.12 13.64
C GLU A 35 -18.36 19.72 12.17
N VAL A 36 -17.20 19.35 11.64
CA VAL A 36 -17.10 18.95 10.24
C VAL A 36 -17.94 17.70 9.98
N GLY A 37 -17.83 16.73 10.88
CA GLY A 37 -18.63 15.53 10.81
C GLY A 37 -20.10 15.90 10.79
N ALA A 38 -20.50 16.74 11.74
CA ALA A 38 -21.87 17.23 11.79
C ALA A 38 -22.24 17.78 10.43
N TYR A 39 -21.33 18.52 9.82
CA TYR A 39 -21.58 19.13 8.52
C TYR A 39 -21.82 18.07 7.44
N PHE A 40 -20.94 17.07 7.39
CA PHE A 40 -21.07 16.01 6.40
C PHE A 40 -21.98 14.89 6.89
N GLY A 41 -22.52 15.05 8.10
CA GLY A 41 -23.32 14.01 8.71
C GLY A 41 -22.53 12.74 8.93
N VAL A 42 -21.41 12.84 9.62
CA VAL A 42 -20.57 11.68 9.91
C VAL A 42 -19.94 11.83 11.30
N THR A 43 -19.33 10.76 11.79
CA THR A 43 -18.70 10.79 13.11
C THR A 43 -17.32 11.40 13.03
N ARG A 44 -16.90 12.00 14.14
CA ARG A 44 -15.60 12.67 14.22
C ARG A 44 -14.52 11.73 13.72
N GLU A 45 -14.60 10.48 14.13
CA GLU A 45 -13.62 9.48 13.75
C GLU A 45 -13.43 9.51 12.25
N ARG A 46 -14.54 9.39 11.53
CA ARG A 46 -14.52 9.32 10.08
C ARG A 46 -13.72 10.50 9.54
N ILE A 47 -14.05 11.69 10.01
CA ILE A 47 -13.38 12.90 9.55
C ILE A 47 -11.88 12.78 9.66
N ARG A 48 -11.40 12.43 10.85
CA ARG A 48 -9.98 12.25 11.06
C ARG A 48 -9.41 11.29 10.05
N GLN A 49 -10.02 10.12 9.96
CA GLN A 49 -9.62 9.11 9.00
C GLN A 49 -9.47 9.70 7.61
N ILE A 50 -10.44 10.52 7.19
CA ILE A 50 -10.37 11.16 5.88
C ILE A 50 -9.24 12.18 5.79
N GLU A 51 -9.13 13.01 6.81
CA GLU A 51 -8.04 13.99 6.85
C GLU A 51 -6.73 13.28 6.61
N ASN A 52 -6.36 12.44 7.55
CA ASN A 52 -5.10 11.70 7.47
C ASN A 52 -4.90 11.05 6.12
N LYS A 53 -5.96 10.48 5.54
CA LYS A 53 -5.85 9.85 4.24
C LYS A 53 -5.44 10.87 3.18
N ALA A 54 -6.17 11.99 3.15
CA ALA A 54 -5.86 13.07 2.23
C ALA A 54 -4.46 13.63 2.47
N LEU A 55 -4.04 13.66 3.73
CA LEU A 55 -2.68 14.09 4.09
C LEU A 55 -1.64 13.17 3.47
N ARG A 56 -1.88 11.87 3.63
CA ARG A 56 -0.99 10.87 3.09
C ARG A 56 -0.97 10.94 1.57
N LYS A 57 -2.09 11.37 0.99
CA LYS A 57 -2.19 11.49 -0.46
C LYS A 57 -1.26 12.55 -1.04
N LEU A 58 -0.83 13.49 -0.21
CA LEU A 58 -0.05 14.63 -0.69
C LEU A 58 1.44 14.45 -0.42
N ARG A 59 1.75 13.61 0.56
CA ARG A 59 3.13 13.22 0.84
C ARG A 59 3.63 12.27 -0.26
N HIS A 60 2.71 11.48 -0.82
CA HIS A 60 3.02 10.53 -1.89
C HIS A 60 2.30 10.83 -3.21
N PRO A 61 2.57 11.98 -3.83
CA PRO A 61 2.01 12.25 -5.15
C PRO A 61 3.06 12.02 -6.25
N LYS B 10 -11.61 35.35 -2.29
CA LYS B 10 -11.21 36.74 -2.53
C LYS B 10 -9.76 36.97 -2.13
N LEU B 11 -8.99 35.89 -2.03
CA LEU B 11 -7.59 35.98 -1.64
C LEU B 11 -6.69 35.98 -2.88
N SER B 12 -5.63 36.77 -2.83
CA SER B 12 -4.67 36.83 -3.93
C SER B 12 -3.96 35.49 -4.11
N GLU B 13 -3.40 35.29 -5.31
CA GLU B 13 -2.60 34.10 -5.59
C GLU B 13 -1.67 33.80 -4.43
N ARG B 14 -0.94 34.82 -4.01
CA ARG B 14 0.11 34.63 -3.01
C ARG B 14 -0.48 34.31 -1.66
N GLU B 15 -1.54 35.01 -1.28
CA GLU B 15 -2.20 34.77 0.00
C GLU B 15 -2.64 33.32 0.12
N ALA B 16 -3.45 32.85 -0.82
CA ALA B 16 -3.90 31.46 -0.82
C ALA B 16 -2.72 30.51 -0.70
N MET B 17 -1.80 30.60 -1.64
CA MET B 17 -0.59 29.78 -1.60
C MET B 17 -0.12 29.57 -0.18
N VAL B 18 0.30 30.67 0.45
CA VAL B 18 0.86 30.65 1.79
C VAL B 18 0.10 29.81 2.81
N LEU B 19 -1.22 29.94 2.82
CA LEU B 19 -2.00 29.16 3.77
C LEU B 19 -1.99 27.68 3.42
N LYS B 20 -1.97 27.38 2.13
CA LYS B 20 -1.86 25.98 1.74
C LYS B 20 -0.49 25.49 2.17
N MET B 21 0.51 26.32 1.97
CA MET B 21 1.84 26.03 2.45
C MET B 21 1.79 25.76 3.95
N ARG B 22 1.52 26.81 4.72
CA ARG B 22 1.53 26.74 6.17
C ARG B 22 0.65 25.62 6.72
N LYS B 23 -0.48 25.36 6.07
CA LYS B 23 -1.43 24.40 6.60
C LYS B 23 -1.18 22.99 6.08
N GLY B 24 -0.17 22.86 5.22
CA GLY B 24 0.20 21.57 4.68
C GLY B 24 -0.61 21.15 3.47
N LEU B 25 -1.63 21.93 3.14
CA LEU B 25 -2.53 21.64 2.02
C LEU B 25 -1.78 21.48 0.69
N ILE B 26 -0.45 21.55 0.74
CA ILE B 26 0.35 21.35 -0.45
C ILE B 26 0.87 19.93 -0.56
N ASP B 27 1.57 19.51 0.49
CA ASP B 27 2.21 18.21 0.52
C ASP B 27 1.99 17.57 1.88
N GLY B 28 0.81 17.80 2.46
CA GLY B 28 0.48 17.22 3.75
C GLY B 28 1.33 17.70 4.92
N ARG B 29 2.42 18.39 4.59
CA ARG B 29 3.32 18.87 5.62
C ARG B 29 3.03 20.34 5.89
N GLU B 30 2.79 20.67 7.16
CA GLU B 30 2.67 22.06 7.58
C GLU B 30 4.06 22.68 7.66
N HIS B 31 4.22 23.86 7.06
CA HIS B 31 5.55 24.47 6.94
C HIS B 31 5.77 25.68 7.84
N THR B 32 6.90 25.69 8.53
CA THR B 32 7.27 26.83 9.37
C THR B 32 7.35 28.05 8.49
N LEU B 33 7.20 29.21 9.10
CA LEU B 33 7.34 30.47 8.40
C LEU B 33 8.65 30.45 7.62
N GLU B 34 9.70 29.98 8.27
CA GLU B 34 11.03 29.98 7.69
C GLU B 34 11.01 29.47 6.25
N GLU B 35 10.52 28.25 6.09
CA GLU B 35 10.58 27.57 4.81
C GLU B 35 9.76 28.25 3.73
N VAL B 36 8.54 28.65 4.08
CA VAL B 36 7.70 29.34 3.10
C VAL B 36 8.37 30.64 2.64
N GLY B 37 8.96 31.37 3.59
CA GLY B 37 9.71 32.57 3.26
C GLY B 37 10.78 32.29 2.23
N ALA B 38 11.54 31.23 2.43
CA ALA B 38 12.59 30.86 1.49
C ALA B 38 12.03 30.64 0.09
N TYR B 39 10.85 30.03 0.04
CA TYR B 39 10.23 29.69 -1.23
C TYR B 39 9.85 30.91 -2.07
N PHE B 40 9.25 31.90 -1.44
CA PHE B 40 8.84 33.11 -2.14
C PHE B 40 9.95 34.16 -2.16
N GLY B 41 11.08 33.82 -1.56
CA GLY B 41 12.16 34.77 -1.39
C GLY B 41 11.73 35.99 -0.60
N VAL B 42 11.32 35.77 0.65
CA VAL B 42 10.93 36.86 1.54
C VAL B 42 11.30 36.48 2.99
N THR B 43 11.17 37.42 3.92
CA THR B 43 11.52 37.16 5.32
C THR B 43 10.35 36.55 6.05
N ARG B 44 10.66 35.70 7.04
CA ARG B 44 9.61 35.01 7.79
C ARG B 44 8.53 35.99 8.23
N GLU B 45 8.96 37.15 8.71
CA GLU B 45 8.02 38.19 9.09
C GLU B 45 6.94 38.41 8.04
N ARG B 46 7.38 38.67 6.81
CA ARG B 46 6.48 38.95 5.71
C ARG B 46 5.41 37.86 5.61
N ILE B 47 5.87 36.61 5.61
CA ILE B 47 4.97 35.48 5.51
C ILE B 47 3.85 35.65 6.54
N ARG B 48 4.21 35.58 7.80
CA ARG B 48 3.26 35.73 8.89
C ARG B 48 2.29 36.86 8.57
N GLN B 49 2.83 38.06 8.40
CA GLN B 49 2.01 39.23 8.05
C GLN B 49 1.02 38.90 6.95
N ILE B 50 1.44 38.12 5.96
CA ILE B 50 0.56 37.77 4.86
C ILE B 50 -0.47 36.76 5.33
N GLU B 51 0.01 35.72 6.01
CA GLU B 51 -0.87 34.70 6.56
C GLU B 51 -2.00 35.37 7.30
N ASN B 52 -1.66 36.03 8.39
CA ASN B 52 -2.62 36.74 9.21
C ASN B 52 -3.58 37.59 8.39
N LYS B 53 -3.05 38.31 7.40
CA LYS B 53 -3.90 39.18 6.59
C LYS B 53 -4.97 38.35 5.88
N ALA B 54 -4.53 37.24 5.31
CA ALA B 54 -5.43 36.32 4.62
C ALA B 54 -6.45 35.70 5.57
N LEU B 55 -6.04 35.45 6.81
CA LEU B 55 -6.95 34.92 7.83
C LEU B 55 -8.05 35.93 8.16
N ARG B 56 -7.66 37.18 8.34
CA ARG B 56 -8.61 38.23 8.62
C ARG B 56 -9.60 38.37 7.46
N LYS B 57 -9.09 38.23 6.25
CA LYS B 57 -9.90 38.33 5.04
C LYS B 57 -11.08 37.35 4.97
N LEU B 58 -10.98 36.26 5.71
CA LEU B 58 -11.98 35.20 5.63
C LEU B 58 -13.04 35.30 6.73
N ARG B 59 -12.70 35.97 7.81
CA ARG B 59 -13.65 36.15 8.90
C ARG B 59 -14.44 37.44 8.74
N ASP C 5 18.31 2.44 -15.95
CA ASP C 5 17.47 3.65 -16.04
C ASP C 5 17.32 4.38 -14.71
N PRO C 6 16.89 5.65 -14.79
CA PRO C 6 16.68 6.53 -13.64
C PRO C 6 15.35 6.24 -12.98
N ILE C 7 14.44 5.65 -13.75
CA ILE C 7 13.11 5.37 -13.24
C ILE C 7 13.06 3.94 -12.73
N LEU C 8 14.10 3.18 -13.04
CA LEU C 8 14.20 1.79 -12.59
C LEU C 8 14.51 1.69 -11.10
N LEU C 9 15.15 2.71 -10.55
CA LEU C 9 15.59 2.68 -9.17
C LEU C 9 14.51 3.15 -8.22
N ARG C 10 13.49 3.82 -8.74
CA ARG C 10 12.45 4.39 -7.90
C ARG C 10 11.61 3.34 -7.18
N PRO C 11 11.02 3.73 -6.04
CA PRO C 11 10.09 2.87 -5.29
C PRO C 11 8.81 2.62 -6.06
N VAL C 12 8.21 1.46 -5.81
CA VAL C 12 7.02 1.04 -6.54
C VAL C 12 5.82 1.92 -6.23
N ASP C 13 5.94 2.70 -5.17
CA ASP C 13 4.86 3.56 -4.72
C ASP C 13 4.67 4.69 -5.72
N ASP C 14 5.71 4.99 -6.48
CA ASP C 14 5.65 6.00 -7.50
C ASP C 14 4.65 5.60 -8.58
N LEU C 15 4.16 4.39 -8.47
CA LEU C 15 3.21 3.86 -9.45
C LEU C 15 1.77 4.14 -9.05
N GLU C 16 1.56 4.58 -7.81
CA GLU C 16 0.23 4.90 -7.34
C GLU C 16 -0.72 3.76 -7.69
N LEU C 17 -0.28 2.54 -7.43
CA LEU C 17 -1.10 1.38 -7.71
C LEU C 17 -2.27 1.33 -6.76
N THR C 18 -3.15 0.35 -6.93
CA THR C 18 -4.23 0.14 -6.00
C THR C 18 -3.68 -0.52 -4.74
N VAL C 19 -4.50 -0.54 -3.69
CA VAL C 19 -4.11 -1.13 -2.41
C VAL C 19 -3.78 -2.63 -2.56
N ARG C 20 -4.72 -3.37 -3.14
CA ARG C 20 -4.53 -4.78 -3.39
C ARG C 20 -3.13 -4.98 -3.96
N SER C 21 -2.94 -4.50 -5.18
CA SER C 21 -1.67 -4.61 -5.88
C SER C 21 -0.52 -4.30 -4.93
N ALA C 22 -0.53 -3.08 -4.38
CA ALA C 22 0.50 -2.64 -3.45
C ALA C 22 0.81 -3.72 -2.41
N ASN C 23 -0.23 -4.13 -1.68
CA ASN C 23 -0.06 -5.10 -0.61
C ASN C 23 0.61 -6.39 -1.03
N CYS C 24 0.20 -6.89 -2.18
CA CYS C 24 0.75 -8.13 -2.70
C CYS C 24 2.24 -7.96 -2.89
N LEU C 25 2.61 -6.82 -3.44
CA LEU C 25 4.01 -6.52 -3.74
C LEU C 25 4.86 -6.44 -2.48
N LYS C 26 4.41 -5.62 -1.52
CA LYS C 26 5.12 -5.47 -0.27
C LYS C 26 5.22 -6.82 0.42
N ALA C 27 4.24 -7.67 0.13
CA ALA C 27 4.22 -9.03 0.65
C ALA C 27 5.18 -9.92 -0.14
N GLU C 28 5.76 -9.36 -1.19
CA GLU C 28 6.58 -10.16 -2.12
C GLU C 28 8.01 -9.67 -2.28
N ALA C 29 8.52 -8.96 -1.28
CA ALA C 29 9.90 -8.50 -1.33
C ALA C 29 10.16 -7.63 -2.56
N ILE C 30 9.11 -6.98 -3.04
CA ILE C 30 9.22 -6.07 -4.17
C ILE C 30 9.12 -4.62 -3.70
N HIS C 31 10.25 -3.91 -3.73
CA HIS C 31 10.28 -2.53 -3.27
C HIS C 31 10.55 -1.58 -4.42
N TYR C 32 11.37 -2.03 -5.36
CA TYR C 32 11.83 -1.17 -6.44
C TYR C 32 11.31 -1.62 -7.79
N ILE C 33 10.87 -0.67 -8.59
CA ILE C 33 10.35 -0.95 -9.91
C ILE C 33 11.28 -1.84 -10.72
N GLY C 34 12.57 -1.80 -10.40
CA GLY C 34 13.53 -2.68 -11.03
C GLY C 34 13.28 -4.14 -10.70
N ASP C 35 13.13 -4.41 -9.40
CA ASP C 35 12.80 -5.76 -8.95
C ASP C 35 11.59 -6.26 -9.71
N LEU C 36 10.69 -5.33 -10.01
CA LEU C 36 9.39 -5.66 -10.59
C LEU C 36 9.44 -6.05 -12.07
N VAL C 37 9.96 -5.18 -12.92
CA VAL C 37 9.96 -5.44 -14.36
C VAL C 37 10.64 -6.77 -14.71
N GLN C 38 11.48 -7.26 -13.81
CA GLN C 38 12.19 -8.52 -14.03
C GLN C 38 11.28 -9.73 -13.84
N ARG C 39 10.19 -9.56 -13.10
CA ARG C 39 9.24 -10.64 -12.86
C ARG C 39 8.31 -10.86 -14.05
N THR C 40 8.18 -12.11 -14.45
CA THR C 40 7.36 -12.43 -15.61
C THR C 40 5.88 -12.36 -15.26
N GLU C 41 5.06 -12.08 -16.27
CA GLU C 41 3.62 -11.97 -16.11
C GLU C 41 3.04 -13.18 -15.41
N VAL C 42 3.63 -14.34 -15.67
CA VAL C 42 3.20 -15.59 -15.08
C VAL C 42 3.60 -15.65 -13.61
N GLU C 43 4.87 -15.38 -13.34
CA GLU C 43 5.42 -15.42 -11.99
C GLU C 43 4.61 -14.55 -11.04
N LEU C 44 3.91 -13.58 -11.60
CA LEU C 44 3.10 -12.68 -10.80
C LEU C 44 1.75 -13.29 -10.47
N LEU C 45 1.11 -13.84 -11.49
CA LEU C 45 -0.24 -14.38 -11.32
C LEU C 45 -0.27 -15.44 -10.22
N LYS C 46 0.89 -15.99 -9.91
CA LYS C 46 0.99 -16.96 -8.83
C LYS C 46 0.82 -16.29 -7.48
N THR C 47 1.43 -15.12 -7.33
CA THR C 47 1.33 -14.38 -6.07
C THR C 47 -0.13 -14.24 -5.63
N PRO C 48 -0.37 -14.53 -4.35
CA PRO C 48 -1.69 -14.53 -3.71
C PRO C 48 -2.39 -13.20 -3.87
N ASN C 49 -3.71 -13.25 -3.98
CA ASN C 49 -4.54 -12.05 -4.06
C ASN C 49 -4.34 -11.24 -5.33
N LEU C 50 -3.34 -11.62 -6.11
CA LEU C 50 -3.10 -10.96 -7.38
C LEU C 50 -3.76 -11.73 -8.52
N GLY C 51 -4.85 -11.18 -9.03
CA GLY C 51 -5.58 -11.79 -10.13
C GLY C 51 -5.51 -10.99 -11.42
N LYS C 52 -6.34 -11.36 -12.39
CA LYS C 52 -6.34 -10.70 -13.69
C LYS C 52 -6.28 -9.19 -13.61
N LYS C 53 -7.23 -8.61 -12.88
CA LYS C 53 -7.38 -7.16 -12.82
C LYS C 53 -6.14 -6.50 -12.29
N SER C 54 -5.67 -6.97 -11.13
CA SER C 54 -4.44 -6.46 -10.55
C SER C 54 -3.33 -6.59 -11.55
N LEU C 55 -3.11 -7.80 -12.05
CA LEU C 55 -2.11 -8.02 -13.07
C LEU C 55 -2.35 -7.02 -14.19
N THR C 56 -3.55 -7.05 -14.76
CA THR C 56 -3.91 -6.15 -15.85
C THR C 56 -3.54 -4.71 -15.53
N GLU C 57 -4.08 -4.17 -14.44
CA GLU C 57 -3.76 -2.82 -14.02
C GLU C 57 -2.26 -2.57 -14.16
N ILE C 58 -1.48 -3.40 -13.48
CA ILE C 58 -0.02 -3.25 -13.42
C ILE C 58 0.63 -3.14 -14.79
N LYS C 59 0.26 -4.04 -15.70
CA LYS C 59 0.80 -3.98 -17.04
C LYS C 59 0.54 -2.61 -17.67
N ASP C 60 -0.69 -2.14 -17.52
CA ASP C 60 -1.13 -0.88 -18.11
C ASP C 60 -0.30 0.29 -17.61
N VAL C 61 -0.07 0.33 -16.31
CA VAL C 61 0.64 1.46 -15.71
C VAL C 61 2.13 1.40 -15.97
N LEU C 62 2.67 0.20 -16.15
CA LEU C 62 4.05 0.06 -16.56
C LEU C 62 4.18 0.54 -18.00
N ALA C 63 3.18 0.17 -18.80
CA ALA C 63 3.13 0.59 -20.20
C ALA C 63 3.03 2.10 -20.31
N SER C 64 2.21 2.71 -19.44
CA SER C 64 1.96 4.14 -19.48
C SER C 64 3.24 4.94 -19.25
N ARG C 65 4.33 4.23 -18.96
CA ARG C 65 5.59 4.87 -18.66
C ARG C 65 6.76 4.21 -19.39
N GLY C 66 6.43 3.44 -20.43
CA GLY C 66 7.44 2.80 -21.25
C GLY C 66 7.75 1.37 -20.85
N LEU C 67 7.31 0.96 -19.67
CA LEU C 67 7.75 -0.31 -19.11
C LEU C 67 6.80 -1.49 -19.35
N SER C 68 7.38 -2.68 -19.34
CA SER C 68 6.62 -3.93 -19.44
C SER C 68 7.29 -4.98 -18.55
N LEU C 69 6.68 -6.16 -18.45
CA LEU C 69 7.17 -7.19 -17.55
C LEU C 69 8.15 -8.17 -18.20
N GLY C 70 8.75 -9.02 -17.39
CA GLY C 70 9.67 -10.04 -17.89
C GLY C 70 10.95 -9.48 -18.50
N MET C 71 11.24 -8.21 -18.25
CA MET C 71 12.44 -7.57 -18.78
C MET C 71 13.70 -8.20 -18.22
N ARG C 72 14.71 -8.35 -19.08
CA ARG C 72 15.99 -8.89 -18.65
C ARG C 72 16.97 -7.77 -18.32
N LEU C 73 17.40 -7.71 -17.06
CA LEU C 73 18.32 -6.67 -16.63
C LEU C 73 19.69 -7.24 -16.23
N GLU C 74 20.68 -6.35 -16.13
CA GLU C 74 22.05 -6.72 -15.79
C GLU C 74 22.47 -5.87 -14.58
N ASN C 75 23.69 -6.06 -14.09
CA ASN C 75 24.22 -5.26 -12.99
C ASN C 75 23.18 -4.88 -11.94
N TRP C 76 22.52 -5.88 -11.36
CA TRP C 76 21.43 -5.61 -10.43
C TRP C 76 21.70 -6.18 -9.04
N PRO C 77 21.47 -5.38 -7.99
CA PRO C 77 21.05 -3.96 -7.92
C PRO C 77 22.19 -2.95 -7.67
N PRO C 78 21.88 -1.72 -7.20
CA PRO C 78 22.95 -0.78 -6.91
C PRO C 78 23.11 -0.55 -5.41
N ALA C 79 22.27 -1.24 -4.64
CA ALA C 79 22.15 -1.08 -3.19
C ALA C 79 20.92 -0.25 -2.84
N ASP D 5 13.28 -35.97 11.87
CA ASP D 5 13.76 -34.69 11.33
C ASP D 5 13.24 -33.49 12.14
N PRO D 6 13.81 -32.29 11.89
CA PRO D 6 13.59 -31.14 12.76
C PRO D 6 12.55 -30.14 12.27
N ILE D 7 12.39 -30.05 10.95
CA ILE D 7 11.46 -29.10 10.36
C ILE D 7 10.12 -29.77 10.11
N LEU D 8 10.08 -31.10 10.26
CA LEU D 8 8.85 -31.86 10.05
C LEU D 8 7.89 -31.73 11.23
N LEU D 9 8.43 -31.42 12.41
CA LEU D 9 7.63 -31.39 13.63
C LEU D 9 6.99 -30.03 13.90
N ARG D 10 7.43 -29.02 13.17
CA ARG D 10 6.94 -27.67 13.37
C ARG D 10 5.49 -27.50 12.94
N PRO D 11 4.78 -26.53 13.56
CA PRO D 11 3.43 -26.15 13.16
C PRO D 11 3.38 -25.58 11.74
N VAL D 12 2.23 -25.72 11.08
CA VAL D 12 2.07 -25.33 9.69
C VAL D 12 2.11 -23.82 9.53
N ASP D 13 1.91 -23.10 10.63
CA ASP D 13 1.88 -21.65 10.61
C ASP D 13 3.25 -21.09 10.21
N ASP D 14 4.29 -21.87 10.46
CA ASP D 14 5.67 -21.51 10.09
C ASP D 14 5.79 -21.35 8.58
N LEU D 15 4.75 -21.74 7.86
CA LEU D 15 4.74 -21.65 6.41
C LEU D 15 4.21 -20.31 5.94
N GLU D 16 3.70 -19.51 6.87
CA GLU D 16 3.18 -18.19 6.55
C GLU D 16 2.29 -18.26 5.31
N LEU D 17 1.38 -19.22 5.30
CA LEU D 17 0.49 -19.42 4.17
C LEU D 17 -0.59 -18.34 4.15
N THR D 18 -1.34 -18.30 3.06
CA THR D 18 -2.43 -17.36 2.93
C THR D 18 -3.55 -17.77 3.87
N VAL D 19 -4.52 -16.89 4.07
CA VAL D 19 -5.63 -17.20 4.95
C VAL D 19 -6.42 -18.39 4.42
N ARG D 20 -6.84 -18.29 3.16
CA ARG D 20 -7.56 -19.38 2.51
C ARG D 20 -6.88 -20.69 2.87
N SER D 21 -5.70 -20.91 2.30
CA SER D 21 -4.93 -22.10 2.58
C SER D 21 -5.01 -22.42 4.06
N ALA D 22 -4.53 -21.50 4.89
CA ALA D 22 -4.53 -21.72 6.33
C ALA D 22 -5.86 -22.32 6.81
N ASN D 23 -6.96 -21.64 6.54
CA ASN D 23 -8.27 -22.08 7.00
C ASN D 23 -8.61 -23.50 6.57
N CYS D 24 -8.36 -23.79 5.31
CA CYS D 24 -8.58 -25.13 4.78
C CYS D 24 -7.90 -26.15 5.68
N LEU D 25 -6.63 -25.89 5.99
CA LEU D 25 -5.82 -26.84 6.73
C LEU D 25 -6.34 -27.07 8.14
N LYS D 26 -6.61 -25.99 8.85
CA LYS D 26 -7.17 -26.08 10.19
C LYS D 26 -8.52 -26.80 10.14
N ALA D 27 -9.22 -26.62 9.03
CA ALA D 27 -10.48 -27.33 8.79
C ALA D 27 -10.22 -28.80 8.52
N GLU D 28 -8.95 -29.18 8.42
CA GLU D 28 -8.59 -30.50 7.93
C GLU D 28 -7.70 -31.30 8.87
N ALA D 29 -7.75 -30.97 10.16
CA ALA D 29 -6.98 -31.72 11.15
C ALA D 29 -5.50 -31.78 10.78
N ILE D 30 -5.04 -30.78 10.05
CA ILE D 30 -3.62 -30.65 9.74
C ILE D 30 -3.02 -29.56 10.62
N HIS D 31 -2.16 -29.96 11.55
CA HIS D 31 -1.52 -29.00 12.44
C HIS D 31 -0.01 -28.94 12.20
N TYR D 32 0.58 -30.06 11.81
CA TYR D 32 2.02 -30.15 11.68
C TYR D 32 2.44 -30.45 10.25
N ILE D 33 3.54 -29.83 9.82
CA ILE D 33 4.04 -29.98 8.47
C ILE D 33 4.20 -31.44 8.09
N GLY D 34 4.49 -32.27 9.09
CA GLY D 34 4.61 -33.70 8.87
C GLY D 34 3.29 -34.27 8.38
N ASP D 35 2.21 -33.95 9.09
CA ASP D 35 0.87 -34.35 8.68
C ASP D 35 0.68 -33.98 7.22
N LEU D 36 1.22 -32.81 6.87
CA LEU D 36 1.00 -32.22 5.55
C LEU D 36 1.69 -32.96 4.42
N VAL D 37 3.02 -33.04 4.47
CA VAL D 37 3.79 -33.64 3.38
C VAL D 37 3.32 -35.04 3.02
N GLN D 38 2.62 -35.70 3.94
CA GLN D 38 2.10 -37.04 3.69
C GLN D 38 0.83 -37.04 2.81
N ARG D 39 0.21 -35.88 2.67
CA ARG D 39 -1.00 -35.74 1.87
C ARG D 39 -0.68 -35.58 0.38
N THR D 40 -1.25 -36.44 -0.45
CA THR D 40 -1.00 -36.36 -1.88
C THR D 40 -1.62 -35.11 -2.48
N GLU D 41 -0.97 -34.60 -3.52
CA GLU D 41 -1.45 -33.44 -4.27
C GLU D 41 -2.94 -33.58 -4.58
N VAL D 42 -3.34 -34.78 -4.95
CA VAL D 42 -4.72 -35.05 -5.30
C VAL D 42 -5.63 -34.97 -4.07
N GLU D 43 -5.18 -35.61 -2.99
CA GLU D 43 -5.94 -35.66 -1.75
C GLU D 43 -6.26 -34.27 -1.24
N LEU D 44 -5.44 -33.29 -1.63
CA LEU D 44 -5.62 -31.91 -1.22
C LEU D 44 -6.69 -31.21 -2.04
N LEU D 45 -6.58 -31.28 -3.36
CA LEU D 45 -7.52 -30.60 -4.25
C LEU D 45 -8.97 -30.92 -3.92
N LYS D 46 -9.21 -32.08 -3.31
CA LYS D 46 -10.56 -32.45 -2.90
C LYS D 46 -11.03 -31.51 -1.81
N THR D 47 -10.16 -31.24 -0.84
CA THR D 47 -10.53 -30.40 0.29
C THR D 47 -11.15 -29.08 -0.17
N PRO D 48 -12.28 -28.72 0.44
CA PRO D 48 -13.13 -27.59 0.06
C PRO D 48 -12.40 -26.27 0.07
N ASN D 49 -12.74 -25.40 -0.87
CA ASN D 49 -12.17 -24.07 -0.93
C ASN D 49 -10.70 -24.08 -1.31
N LEU D 50 -10.08 -25.25 -1.35
CA LEU D 50 -8.69 -25.36 -1.77
C LEU D 50 -8.67 -25.71 -3.25
N GLY D 51 -8.08 -24.83 -4.05
CA GLY D 51 -8.03 -25.01 -5.49
C GLY D 51 -6.63 -24.89 -6.08
N LYS D 52 -6.56 -24.73 -7.40
CA LYS D 52 -5.28 -24.65 -8.10
C LYS D 52 -4.29 -23.74 -7.41
N LYS D 53 -4.65 -22.46 -7.32
CA LYS D 53 -3.76 -21.45 -6.75
C LYS D 53 -3.32 -21.83 -5.35
N SER D 54 -4.28 -22.19 -4.50
CA SER D 54 -3.96 -22.58 -3.13
C SER D 54 -3.03 -23.79 -3.12
N LEU D 55 -3.41 -24.82 -3.85
CA LEU D 55 -2.55 -25.96 -4.01
C LEU D 55 -1.18 -25.47 -4.49
N THR D 56 -1.19 -24.79 -5.63
CA THR D 56 0.02 -24.26 -6.23
C THR D 56 0.91 -23.56 -5.21
N GLU D 57 0.35 -22.56 -4.53
CA GLU D 57 1.07 -21.85 -3.49
C GLU D 57 1.83 -22.83 -2.61
N ILE D 58 1.08 -23.76 -2.04
CA ILE D 58 1.61 -24.69 -1.05
C ILE D 58 2.78 -25.50 -1.58
N LYS D 59 2.65 -26.01 -2.80
CA LYS D 59 3.74 -26.75 -3.41
C LYS D 59 5.01 -25.88 -3.44
N ASP D 60 4.86 -24.65 -3.90
CA ASP D 60 5.99 -23.73 -4.03
C ASP D 60 6.65 -23.40 -2.69
N VAL D 61 5.85 -23.21 -1.65
CA VAL D 61 6.40 -22.87 -0.34
C VAL D 61 6.98 -24.12 0.35
N LEU D 62 6.51 -25.29 -0.04
CA LEU D 62 7.11 -26.53 0.44
C LEU D 62 8.44 -26.75 -0.25
N ALA D 63 8.45 -26.48 -1.55
CA ALA D 63 9.66 -26.60 -2.36
C ALA D 63 10.73 -25.62 -1.88
N SER D 64 10.32 -24.41 -1.52
CA SER D 64 11.24 -23.36 -1.08
C SER D 64 12.01 -23.77 0.19
N ARG D 65 11.67 -24.93 0.73
CA ARG D 65 12.28 -25.40 1.97
C ARG D 65 12.63 -26.89 1.90
N GLY D 66 12.73 -27.40 0.67
CA GLY D 66 13.17 -28.77 0.43
C GLY D 66 12.05 -29.78 0.33
N LEU D 67 10.84 -29.36 0.67
CA LEU D 67 9.72 -30.30 0.79
C LEU D 67 8.79 -30.40 -0.42
N SER D 68 8.21 -31.58 -0.59
CA SER D 68 7.18 -31.81 -1.60
C SER D 68 6.04 -32.62 -0.99
N LEU D 69 4.98 -32.83 -1.75
CA LEU D 69 3.83 -33.57 -1.25
C LEU D 69 3.93 -35.07 -1.55
N GLY D 70 3.00 -35.84 -0.99
CA GLY D 70 2.96 -37.27 -1.23
C GLY D 70 4.12 -38.05 -0.65
N MET D 71 4.87 -37.44 0.26
CA MET D 71 6.03 -38.08 0.86
C MET D 71 5.65 -39.23 1.79
N ARG D 72 6.38 -40.34 1.65
CA ARG D 72 6.15 -41.51 2.52
C ARG D 72 6.99 -41.41 3.78
N LEU D 73 6.33 -41.25 4.92
CA LEU D 73 7.02 -41.12 6.19
C LEU D 73 6.88 -42.36 7.09
N GLU D 74 7.77 -42.44 8.06
CA GLU D 74 7.74 -43.48 9.06
C GLU D 74 7.51 -42.87 10.42
N ASN D 75 7.40 -43.73 11.44
CA ASN D 75 7.25 -43.29 12.81
C ASN D 75 6.38 -42.04 12.93
N TRP D 76 5.12 -42.16 12.55
CA TRP D 76 4.21 -41.03 12.60
C TRP D 76 2.90 -41.41 13.28
N PRO D 77 2.34 -40.48 14.09
CA PRO D 77 2.95 -39.20 14.48
C PRO D 77 3.59 -39.17 15.89
N PRO D 78 2.76 -39.09 16.94
CA PRO D 78 3.08 -38.49 18.26
C PRO D 78 4.49 -37.95 18.35
#